data_5BMF
#
_entry.id   5BMF
#
_cell.length_a   129.438
_cell.length_b   129.438
_cell.length_c   92.692
_cell.angle_alpha   90.00
_cell.angle_beta   90.00
_cell.angle_gamma   120.00
#
_symmetry.space_group_name_H-M   'P 31 2 1'
#
loop_
_entity.id
_entity.type
_entity.pdbx_description
1 polymer 'Fab fragment heavy chain'
2 polymer 'Fab fragment light chain'
3 non-polymer 2-(5-{1-[1-(1,3-dimethyl-2,6-dioxo-2,3,6,7-tetrahydro-1H-purin-8-yl)-4,15-dioxo-8,11-dioxa-5,14-diazaicosan-20-yl]-3,3-dimethyl-6-sulfo-1,3-dihydro-2H-indol-2-ylidene}penta-1,3-dien-1-yl)-1-ethyl-3,3-dimethyl-3H-indolium-5-sulfonate
4 water water
#
loop_
_entity_poly.entity_id
_entity_poly.type
_entity_poly.pdbx_seq_one_letter_code
_entity_poly.pdbx_strand_id
1 'polypeptide(L)'
;QVQLQESGPGLVKPSQTLSLTCTVSGYSITSDYAWNWIRQHPGKGLEWIGYIRYSGHTGYNPSLKSRVTISRDTSKNQFS
LKLSSVTAADTAVYYCARWVDYFDYWGQGTLVTVSSASTKGPSVFPLAPSSKSTSGGTAALGCLVKDYFPEPVTVSWNSG
ALTSGVHTFPAVLQSSGLYSLSSVVTVPSSSLGTQTYICNVNHKPSNTKVDKKVEPKSCDKTHT
;
H
2 'polypeptide(L)'
;DVVMTQSPLSLPVTLGQPASISCRSSQSIVYNNRYTYLEWFQQRPGQSPRLLIYGVSNRFSGVPDRFSGSGSGTDFTLKI
SRVEAEDVGVYYCYQGTHAPYTFGQGTKLEIKRTVAAPSVFIFPPSDEQLKSGTASVVCLLNNFYPREAKVQWKVDNALQ
SGNSQESVTEQDSKDSTYSLSSTLTLSKADYEKHKVYACEVTHQGLSSPVTKSFNRGEC
;
L
#
# COMPACT_ATOMS: atom_id res chain seq x y z
N GLN A 1 -10.50 5.90 -22.20
CA GLN A 1 -9.73 4.90 -22.91
C GLN A 1 -8.25 5.22 -22.84
N VAL A 2 -7.94 6.28 -22.12
CA VAL A 2 -6.57 6.67 -21.90
C VAL A 2 -5.91 5.77 -20.87
N GLN A 3 -4.71 5.29 -21.17
CA GLN A 3 -3.90 4.54 -20.23
C GLN A 3 -2.49 5.07 -20.18
N LEU A 4 -1.97 5.28 -18.98
CA LEU A 4 -0.57 5.61 -18.79
C LEU A 4 0.11 4.51 -18.02
N GLN A 5 1.35 4.20 -18.37
CA GLN A 5 2.09 3.19 -17.63
C GLN A 5 3.53 3.54 -17.45
N GLU A 6 3.98 3.57 -16.19
CA GLU A 6 5.38 3.85 -15.86
C GLU A 6 6.22 2.60 -15.96
N SER A 7 7.43 2.76 -16.49
CA SER A 7 8.38 1.67 -16.50
C SER A 7 9.72 2.23 -16.12
N GLY A 8 10.49 1.44 -15.40
CA GLY A 8 11.80 1.87 -14.99
C GLY A 8 12.41 0.86 -14.06
N PRO A 9 13.59 1.17 -13.55
CA PRO A 9 14.31 0.27 -12.68
C PRO A 9 13.81 0.39 -11.27
N GLY A 10 13.68 -0.71 -10.56
CA GLY A 10 13.14 -0.65 -9.22
C GLY A 10 14.21 -0.28 -8.24
N LEU A 11 15.44 -0.34 -8.72
CA LEU A 11 16.60 -0.19 -7.88
C LEU A 11 17.66 0.58 -8.60
N VAL A 12 18.18 1.59 -7.94
CA VAL A 12 19.18 2.43 -8.51
C VAL A 12 20.13 2.75 -7.37
N LYS A 13 21.42 2.86 -7.66
CA LYS A 13 22.41 3.07 -6.63
C LYS A 13 22.63 4.54 -6.43
N PRO A 14 22.90 4.96 -5.21
CA PRO A 14 23.09 6.37 -4.91
C PRO A 14 24.06 7.04 -5.85
N SER A 15 23.79 8.30 -6.18
CA SER A 15 24.59 9.14 -7.06
C SER A 15 24.43 8.81 -8.53
N GLN A 16 23.78 7.71 -8.84
CA GLN A 16 23.50 7.42 -10.22
C GLN A 16 22.34 8.27 -10.69
N THR A 17 21.96 8.12 -11.95
CA THR A 17 20.86 8.89 -12.52
C THR A 17 19.64 8.02 -12.70
N LEU A 18 18.53 8.42 -12.09
CA LEU A 18 17.27 7.70 -12.15
C LEU A 18 16.51 7.99 -13.43
N SER A 19 16.02 6.96 -14.08
CA SER A 19 15.40 7.12 -15.38
C SER A 19 14.09 6.38 -15.51
N LEU A 20 13.03 7.13 -15.72
CA LEU A 20 11.69 6.58 -15.81
C LEU A 20 11.05 6.93 -17.12
N THR A 21 10.15 6.08 -17.59
CA THR A 21 9.50 6.33 -18.85
C THR A 21 8.03 6.06 -18.74
N CYS A 22 7.22 6.91 -19.34
CA CYS A 22 5.79 6.70 -19.36
C CYS A 22 5.29 6.45 -20.75
N THR A 23 4.50 5.39 -20.92
CA THR A 23 3.94 5.05 -22.21
C THR A 23 2.45 5.28 -22.25
N VAL A 24 2.02 6.20 -23.09
CA VAL A 24 0.63 6.56 -23.20
C VAL A 24 -0.10 5.78 -24.27
N SER A 25 -1.25 5.23 -23.90
CA SER A 25 -2.12 4.56 -24.84
C SER A 25 -3.46 5.26 -24.96
N GLY A 26 -3.96 5.36 -26.18
CA GLY A 26 -5.30 5.84 -26.39
C GLY A 26 -5.40 7.35 -26.46
N TYR A 27 -4.28 8.02 -26.56
CA TYR A 27 -4.27 9.44 -26.77
C TYR A 27 -2.88 9.83 -27.15
N SER A 28 -2.73 10.90 -27.93
CA SER A 28 -1.43 11.27 -28.41
C SER A 28 -0.86 12.43 -27.63
N ILE A 29 0.36 12.24 -27.15
CA ILE A 29 1.08 13.24 -26.37
C ILE A 29 1.18 14.57 -27.10
N THR A 30 1.01 14.52 -28.41
CA THR A 30 1.18 15.71 -29.24
C THR A 30 -0.08 16.55 -29.39
N SER A 31 -1.24 15.95 -29.13
CA SER A 31 -2.53 16.57 -29.37
C SER A 31 -2.81 17.79 -28.49
N ASP A 32 -2.69 17.59 -27.19
CA ASP A 32 -3.03 18.61 -26.23
C ASP A 32 -2.53 18.16 -24.87
N TYR A 33 -2.58 19.07 -23.89
CA TYR A 33 -2.42 18.76 -22.48
C TYR A 33 -0.97 18.72 -22.02
N ALA A 34 -0.82 18.62 -20.70
CA ALA A 34 0.48 18.59 -20.08
C ALA A 34 0.70 17.27 -19.37
N TRP A 35 1.87 16.68 -19.59
CA TRP A 35 2.14 15.34 -19.12
C TRP A 35 3.17 15.38 -17.98
N ASN A 36 2.78 14.79 -16.86
CA ASN A 36 3.38 15.10 -15.57
C ASN A 36 4.07 13.95 -14.85
N TRP A 37 4.99 14.29 -13.95
CA TRP A 37 5.60 13.32 -13.05
C TRP A 37 5.36 13.75 -11.62
N ILE A 38 4.89 12.81 -10.81
CA ILE A 38 4.62 13.06 -9.41
C ILE A 38 5.22 11.91 -8.61
N ARG A 39 5.76 12.18 -7.44
CA ARG A 39 6.27 11.10 -6.61
C ARG A 39 5.69 11.15 -5.23
N GLN A 40 5.84 10.05 -4.51
CA GLN A 40 5.29 9.93 -3.18
C GLN A 40 6.20 9.23 -2.21
N HIS A 41 6.87 9.99 -1.36
CA HIS A 41 7.73 9.39 -0.35
C HIS A 41 6.96 8.38 0.43
N PRO A 42 7.54 7.20 0.65
CA PRO A 42 6.83 6.12 1.31
C PRO A 42 6.23 6.53 2.64
N GLY A 43 4.94 6.24 2.79
CA GLY A 43 4.22 6.60 3.98
C GLY A 43 4.02 8.08 4.11
N LYS A 44 4.15 8.80 3.01
CA LYS A 44 4.04 10.25 3.07
C LYS A 44 3.23 10.84 1.94
N GLY A 45 3.35 12.15 1.77
CA GLY A 45 2.53 12.87 0.83
C GLY A 45 3.12 12.97 -0.55
N LEU A 46 2.45 13.73 -1.41
CA LEU A 46 2.79 13.79 -2.80
C LEU A 46 3.54 15.05 -3.16
N GLU A 47 4.46 14.94 -4.10
CA GLU A 47 5.26 16.06 -4.54
C GLU A 47 5.16 16.15 -6.04
N TRP A 48 4.92 17.34 -6.56
CA TRP A 48 4.83 17.51 -7.99
C TRP A 48 6.23 17.74 -8.50
N ILE A 49 6.58 17.06 -9.58
CA ILE A 49 7.93 17.15 -10.08
C ILE A 49 8.02 18.08 -11.27
N GLY A 50 7.27 17.77 -12.32
CA GLY A 50 7.24 18.65 -13.48
C GLY A 50 6.40 18.11 -14.61
N TYR A 51 6.30 18.86 -15.68
CA TYR A 51 5.48 18.46 -16.82
C TYR A 51 6.17 18.70 -18.13
N ILE A 52 5.72 18.03 -19.18
CA ILE A 52 6.10 18.41 -20.52
C ILE A 52 4.78 18.65 -21.31
N ARG A 53 4.65 19.80 -21.95
CA ARG A 53 3.41 20.11 -22.65
C ARG A 53 3.29 19.31 -23.93
N TYR A 54 2.21 19.56 -24.67
CA TYR A 54 2.00 18.95 -25.96
C TYR A 54 3.02 19.53 -26.92
N SER A 55 3.55 20.68 -26.55
CA SER A 55 4.45 21.42 -27.43
C SER A 55 5.91 21.07 -27.18
N GLY A 56 6.16 20.29 -26.14
CA GLY A 56 7.49 19.93 -25.75
C GLY A 56 8.09 20.85 -24.71
N HIS A 57 7.37 21.90 -24.34
CA HIS A 57 7.86 22.82 -23.32
C HIS A 57 7.75 22.16 -21.99
N THR A 58 8.49 22.66 -21.02
CA THR A 58 8.65 22.01 -19.73
C THR A 58 8.64 23.01 -18.60
N GLY A 59 8.24 22.53 -17.43
CA GLY A 59 8.31 23.34 -16.23
C GLY A 59 8.52 22.41 -15.08
N TYR A 60 9.24 22.86 -14.07
CA TYR A 60 9.72 21.98 -13.01
C TYR A 60 9.50 22.54 -11.63
N ASN A 61 9.48 21.66 -10.63
CA ASN A 61 9.42 22.09 -9.25
C ASN A 61 10.82 22.50 -8.84
N PRO A 62 10.98 23.73 -8.36
CA PRO A 62 12.29 24.30 -8.06
C PRO A 62 13.09 23.46 -7.09
N SER A 63 12.40 22.68 -6.27
CA SER A 63 13.05 21.85 -5.29
C SER A 63 13.85 20.76 -5.97
N LEU A 64 13.50 20.42 -7.21
CA LEU A 64 14.21 19.38 -7.94
C LEU A 64 14.71 19.84 -9.29
N LYS A 65 14.51 21.11 -9.63
CA LYS A 65 14.76 21.55 -10.98
C LYS A 65 16.20 21.31 -11.43
N SER A 66 17.16 21.50 -10.54
CA SER A 66 18.55 21.46 -10.96
C SER A 66 19.05 20.05 -11.17
N ARG A 67 18.19 19.08 -10.87
CA ARG A 67 18.58 17.68 -11.02
C ARG A 67 17.73 16.92 -11.99
N VAL A 68 16.69 17.55 -12.54
CA VAL A 68 15.78 16.85 -13.44
C VAL A 68 15.77 17.40 -14.84
N THR A 69 15.38 16.55 -15.76
CA THR A 69 14.89 16.95 -17.05
C THR A 69 13.75 16.04 -17.40
N ILE A 70 12.76 16.57 -18.12
CA ILE A 70 11.70 15.78 -18.70
C ILE A 70 11.84 15.88 -20.19
N SER A 71 11.47 14.82 -20.90
CA SER A 71 11.63 14.81 -22.33
C SER A 71 10.68 13.81 -22.91
N ARG A 72 10.56 13.77 -24.23
CA ARG A 72 9.61 12.88 -24.86
C ARG A 72 10.15 12.23 -26.09
N ASP A 73 9.49 11.16 -26.48
CA ASP A 73 9.74 10.50 -27.74
C ASP A 73 8.42 10.37 -28.44
N THR A 74 8.06 11.36 -29.26
CA THR A 74 6.75 11.41 -29.88
C THR A 74 6.47 10.20 -30.71
N SER A 75 7.50 9.65 -31.33
CA SER A 75 7.30 8.50 -32.19
C SER A 75 6.96 7.25 -31.41
N LYS A 76 7.10 7.28 -30.09
CA LYS A 76 6.74 6.11 -29.28
C LYS A 76 5.61 6.45 -28.33
N ASN A 77 5.22 7.72 -28.35
CA ASN A 77 4.22 8.25 -27.44
C ASN A 77 4.66 8.00 -26.02
N GLN A 78 5.93 8.27 -25.77
CA GLN A 78 6.51 8.14 -24.45
C GLN A 78 7.07 9.44 -23.99
N PHE A 79 7.01 9.69 -22.69
CA PHE A 79 7.77 10.78 -22.12
C PHE A 79 8.43 10.29 -20.86
N SER A 80 9.55 10.91 -20.51
CA SER A 80 10.46 10.35 -19.52
C SER A 80 10.96 11.34 -18.51
N LEU A 81 11.31 10.84 -17.34
CA LEU A 81 11.88 11.64 -16.27
C LEU A 81 13.28 11.19 -15.99
N LYS A 82 14.18 12.13 -15.75
CA LYS A 82 15.53 11.77 -15.38
C LYS A 82 15.94 12.58 -14.19
N LEU A 83 16.31 11.88 -13.12
CA LEU A 83 16.64 12.51 -11.88
C LEU A 83 18.06 12.13 -11.53
N SER A 84 18.92 13.13 -11.49
CA SER A 84 20.34 12.95 -11.45
C SER A 84 20.86 12.96 -10.03
N SER A 85 21.95 12.22 -9.79
CA SER A 85 22.63 12.21 -8.51
C SER A 85 21.73 11.86 -7.35
N VAL A 86 21.06 10.72 -7.45
CA VAL A 86 20.03 10.38 -6.50
C VAL A 86 20.60 10.00 -5.14
N THR A 87 19.78 10.15 -4.11
CA THR A 87 20.12 9.69 -2.78
C THR A 87 18.97 8.88 -2.26
N ALA A 88 18.88 8.73 -0.95
CA ALA A 88 17.85 7.89 -0.37
C ALA A 88 16.57 8.67 -0.22
N ALA A 89 16.68 9.97 -0.36
CA ALA A 89 15.56 10.87 -0.25
C ALA A 89 14.70 10.79 -1.48
N ASP A 90 15.25 10.18 -2.51
CA ASP A 90 14.59 10.05 -3.79
C ASP A 90 13.93 8.71 -3.89
N THR A 91 13.91 7.97 -2.81
CA THR A 91 13.19 6.73 -2.78
C THR A 91 11.73 7.06 -2.62
N ALA A 92 10.92 6.64 -3.57
CA ALA A 92 9.54 7.03 -3.62
C ALA A 92 8.79 6.21 -4.64
N VAL A 93 7.48 6.30 -4.63
CA VAL A 93 6.69 5.77 -5.73
C VAL A 93 6.53 6.90 -6.69
N TYR A 94 6.77 6.63 -7.95
CA TYR A 94 6.74 7.65 -8.97
C TYR A 94 5.54 7.45 -9.86
N TYR A 95 4.77 8.52 -10.06
CA TYR A 95 3.52 8.46 -10.81
C TYR A 95 3.55 9.26 -12.07
N CYS A 96 3.04 8.63 -13.13
CA CYS A 96 2.80 9.28 -14.39
C CYS A 96 1.36 9.82 -14.39
N ALA A 97 1.13 11.03 -14.90
CA ALA A 97 -0.24 11.59 -14.91
C ALA A 97 -0.49 12.68 -15.95
N ARG A 98 -1.70 12.69 -16.51
CA ARG A 98 -2.15 13.70 -17.48
C ARG A 98 -2.88 14.85 -16.85
N TRP A 99 -2.56 16.06 -17.27
CA TRP A 99 -3.21 17.25 -16.73
C TRP A 99 -3.99 18.01 -17.78
N VAL A 100 -5.31 17.99 -17.66
CA VAL A 100 -6.19 18.60 -18.64
C VAL A 100 -6.77 19.90 -18.14
N ASP A 101 -6.27 20.35 -16.99
CA ASP A 101 -6.74 21.44 -16.14
C ASP A 101 -6.81 20.84 -14.76
N TYR A 102 -6.64 19.52 -14.74
CA TYR A 102 -6.61 18.74 -13.51
C TYR A 102 -6.04 17.35 -13.83
N PHE A 103 -5.58 16.60 -12.83
CA PHE A 103 -5.05 15.27 -13.11
C PHE A 103 -6.18 14.26 -13.25
N ASP A 104 -6.50 13.86 -14.46
CA ASP A 104 -7.59 12.92 -14.63
C ASP A 104 -7.15 11.48 -14.69
N TYR A 105 -6.19 11.19 -15.56
CA TYR A 105 -5.69 9.83 -15.71
C TYR A 105 -4.30 9.67 -15.09
N TRP A 106 -4.14 8.64 -14.28
CA TRP A 106 -2.88 8.32 -13.66
C TRP A 106 -2.37 6.97 -14.09
N GLY A 107 -1.06 6.79 -13.97
CA GLY A 107 -0.46 5.49 -14.11
C GLY A 107 -0.54 4.77 -12.79
N GLN A 108 -0.08 3.53 -12.77
CA GLN A 108 -0.19 2.71 -11.58
C GLN A 108 0.91 2.98 -10.57
N GLY A 109 1.98 3.61 -11.02
CA GLY A 109 3.11 3.90 -10.16
C GLY A 109 4.15 2.81 -10.13
N THR A 110 5.42 3.19 -10.16
CA THR A 110 6.50 2.24 -9.83
C THR A 110 7.31 2.74 -8.67
N LEU A 111 7.59 1.83 -7.75
CA LEU A 111 8.46 2.11 -6.62
C LEU A 111 9.91 2.14 -7.03
N VAL A 112 10.65 3.12 -6.53
CA VAL A 112 12.06 3.19 -6.82
C VAL A 112 12.84 3.27 -5.53
N THR A 113 13.68 2.26 -5.30
CA THR A 113 14.51 2.24 -4.12
C THR A 113 15.92 2.61 -4.47
N VAL A 114 16.46 3.58 -3.77
CA VAL A 114 17.84 3.98 -3.96
C VAL A 114 18.73 3.31 -2.94
N SER A 115 19.49 2.31 -3.36
CA SER A 115 20.29 1.55 -2.42
C SER A 115 21.57 1.08 -3.06
N SER A 116 22.58 0.87 -2.24
CA SER A 116 23.85 0.33 -2.70
C SER A 116 23.85 -1.19 -2.78
N ALA A 117 22.90 -1.81 -2.10
CA ALA A 117 22.84 -3.25 -1.97
C ALA A 117 22.41 -3.94 -3.24
N SER A 118 22.49 -5.26 -3.25
CA SER A 118 22.19 -6.04 -4.43
C SER A 118 20.83 -6.63 -4.31
N THR A 119 20.22 -6.92 -5.44
CA THR A 119 18.90 -7.50 -5.49
C THR A 119 18.94 -8.87 -4.87
N LYS A 120 17.90 -9.25 -4.15
CA LYS A 120 17.86 -10.56 -3.54
C LYS A 120 16.48 -11.18 -3.57
N GLY A 121 16.35 -12.28 -4.29
CA GLY A 121 15.09 -12.96 -4.39
C GLY A 121 14.71 -13.62 -3.09
N PRO A 122 13.41 -13.86 -2.90
CA PRO A 122 12.81 -14.30 -1.65
C PRO A 122 12.74 -15.81 -1.49
N SER A 123 12.70 -16.28 -0.26
CA SER A 123 12.41 -17.68 -0.01
C SER A 123 10.93 -17.78 0.21
N VAL A 124 10.33 -18.90 -0.17
CA VAL A 124 8.90 -19.05 -0.05
C VAL A 124 8.55 -20.29 0.74
N PHE A 125 7.98 -20.10 1.91
CA PHE A 125 7.63 -21.22 2.75
C PHE A 125 6.13 -21.30 2.96
N PRO A 126 5.59 -22.51 2.99
CA PRO A 126 4.15 -22.68 3.16
C PRO A 126 3.74 -22.49 4.60
N LEU A 127 2.53 -21.97 4.79
CA LEU A 127 1.98 -21.87 6.13
C LEU A 127 0.96 -22.97 6.30
N ALA A 128 1.26 -23.91 7.16
CA ALA A 128 0.57 -25.18 7.18
C ALA A 128 -0.63 -25.18 8.11
N PRO A 129 -1.79 -25.57 7.59
CA PRO A 129 -3.05 -25.74 8.32
C PRO A 129 -2.98 -26.85 9.35
N SER A 130 -2.95 -26.49 10.62
CA SER A 130 -2.83 -27.51 11.66
C SER A 130 -4.21 -27.85 12.24
N SER A 131 -4.25 -28.96 12.96
CA SER A 131 -5.48 -29.68 13.28
C SER A 131 -6.56 -28.90 14.00
N LYS A 132 -6.25 -27.72 14.51
CA LYS A 132 -7.26 -26.97 15.25
C LYS A 132 -7.94 -25.98 14.32
N SER A 133 -7.23 -25.54 13.30
CA SER A 133 -7.85 -24.78 12.22
C SER A 133 -8.84 -25.69 11.52
N THR A 134 -8.55 -26.98 11.57
CA THR A 134 -9.28 -27.99 10.82
C THR A 134 -10.60 -28.42 11.45
N SER A 135 -10.60 -28.55 12.77
CA SER A 135 -11.75 -29.11 13.47
C SER A 135 -12.98 -28.21 13.42
N GLY A 136 -12.77 -26.90 13.29
CA GLY A 136 -13.89 -25.98 13.17
C GLY A 136 -14.44 -25.95 11.76
N GLY A 137 -15.23 -24.94 11.46
CA GLY A 137 -15.81 -24.81 10.14
C GLY A 137 -14.79 -24.45 9.08
N THR A 138 -13.99 -23.43 9.37
CA THR A 138 -13.05 -22.88 8.40
C THR A 138 -11.61 -23.04 8.83
N ALA A 139 -10.70 -23.06 7.86
CA ALA A 139 -9.29 -23.25 8.13
C ALA A 139 -8.43 -22.22 7.39
N ALA A 140 -7.28 -21.89 7.99
CA ALA A 140 -6.42 -20.84 7.45
C ALA A 140 -5.15 -21.44 6.88
N LEU A 141 -4.70 -20.88 5.77
CA LEU A 141 -3.44 -21.30 5.17
C LEU A 141 -2.78 -20.17 4.42
N GLY A 142 -1.47 -20.26 4.21
CA GLY A 142 -0.79 -19.21 3.48
C GLY A 142 0.66 -19.43 3.12
N CYS A 143 1.28 -18.38 2.63
CA CYS A 143 2.66 -18.38 2.17
C CYS A 143 3.49 -17.36 2.91
N LEU A 144 4.66 -17.76 3.39
CA LEU A 144 5.62 -16.84 3.98
C LEU A 144 6.66 -16.49 2.94
N VAL A 145 6.84 -15.20 2.69
CA VAL A 145 7.76 -14.76 1.66
C VAL A 145 8.91 -14.01 2.29
N LYS A 146 10.06 -14.66 2.40
CA LYS A 146 11.09 -14.21 3.30
C LYS A 146 12.37 -13.80 2.62
N ASP A 147 13.00 -12.79 3.19
CA ASP A 147 14.35 -12.39 2.84
C ASP A 147 14.48 -11.94 1.42
N TYR A 148 13.96 -10.78 1.09
CA TYR A 148 14.10 -10.27 -0.27
C TYR A 148 14.42 -8.79 -0.27
N PHE A 149 14.91 -8.31 -1.39
CA PHE A 149 15.25 -6.90 -1.55
C PHE A 149 15.41 -6.64 -3.02
N PRO A 150 14.88 -5.54 -3.53
CA PRO A 150 14.06 -4.56 -2.83
C PRO A 150 12.58 -4.86 -2.93
N GLU A 151 11.75 -3.92 -2.51
CA GLU A 151 10.32 -4.03 -2.71
C GLU A 151 10.01 -3.72 -4.16
N PRO A 152 8.90 -4.25 -4.67
CA PRO A 152 7.84 -5.00 -4.03
C PRO A 152 7.77 -6.43 -4.42
N VAL A 153 6.96 -7.18 -3.71
CA VAL A 153 6.67 -8.54 -4.09
C VAL A 153 5.20 -8.61 -4.45
N THR A 154 4.85 -9.56 -5.29
CA THR A 154 3.50 -9.70 -5.80
C THR A 154 2.99 -11.07 -5.45
N VAL A 155 1.90 -11.14 -4.71
CA VAL A 155 1.34 -12.43 -4.39
C VAL A 155 -0.08 -12.56 -4.91
N SER A 156 -0.39 -13.72 -5.47
CA SER A 156 -1.75 -14.04 -5.82
C SER A 156 -2.02 -15.46 -5.39
N TRP A 157 -3.24 -15.92 -5.54
CA TRP A 157 -3.53 -17.30 -5.22
C TRP A 157 -4.27 -17.95 -6.37
N ASN A 158 -3.83 -19.16 -6.72
CA ASN A 158 -4.37 -19.90 -7.83
C ASN A 158 -4.51 -18.99 -9.03
N SER A 159 -3.46 -18.25 -9.31
CA SER A 159 -3.36 -17.44 -10.51
C SER A 159 -4.50 -16.47 -10.69
N GLY A 160 -5.08 -16.04 -9.57
CA GLY A 160 -6.09 -15.00 -9.60
C GLY A 160 -7.45 -15.53 -9.23
N ALA A 161 -7.57 -16.85 -9.26
CA ALA A 161 -8.86 -17.50 -9.05
C ALA A 161 -9.37 -17.21 -7.67
N LEU A 162 -8.46 -17.23 -6.69
CA LEU A 162 -8.84 -17.04 -5.32
C LEU A 162 -8.55 -15.62 -4.90
N THR A 163 -9.57 -14.92 -4.42
CA THR A 163 -9.44 -13.52 -4.07
C THR A 163 -10.14 -13.27 -2.77
N SER A 164 -11.27 -13.93 -2.59
CA SER A 164 -12.05 -13.75 -1.40
C SER A 164 -11.36 -14.36 -0.21
N GLY A 165 -11.09 -13.54 0.78
CA GLY A 165 -10.55 -14.02 2.04
C GLY A 165 -9.06 -13.92 2.11
N VAL A 166 -8.47 -13.29 1.10
CA VAL A 166 -7.04 -13.22 0.98
C VAL A 166 -6.50 -11.95 1.60
N HIS A 167 -5.62 -12.13 2.57
CA HIS A 167 -4.90 -11.03 3.16
C HIS A 167 -3.41 -11.14 2.90
N THR A 168 -2.88 -10.17 2.19
CA THR A 168 -1.46 -10.08 1.96
C THR A 168 -0.95 -8.92 2.77
N PHE A 169 -0.07 -9.20 3.73
CA PHE A 169 0.30 -8.19 4.69
C PHE A 169 1.34 -7.28 4.13
N PRO A 170 1.49 -6.11 4.75
CA PRO A 170 2.57 -5.20 4.39
C PRO A 170 3.91 -5.78 4.79
N ALA A 171 4.88 -5.64 3.92
CA ALA A 171 6.21 -6.17 4.16
C ALA A 171 6.82 -5.49 5.34
N VAL A 172 7.54 -6.26 6.14
CA VAL A 172 8.20 -5.71 7.30
C VAL A 172 9.70 -5.89 7.11
N LEU A 173 10.47 -4.96 7.65
CA LEU A 173 11.91 -5.01 7.57
C LEU A 173 12.45 -5.90 8.65
N GLN A 174 13.41 -6.72 8.32
CA GLN A 174 14.02 -7.54 9.32
C GLN A 174 15.31 -6.90 9.76
N SER A 175 15.89 -7.38 10.85
CA SER A 175 17.13 -6.82 11.33
C SER A 175 18.27 -7.16 10.40
N SER A 176 18.01 -8.07 9.46
CA SER A 176 18.97 -8.35 8.43
C SER A 176 18.91 -7.38 7.28
N GLY A 177 18.11 -6.34 7.41
CA GLY A 177 17.92 -5.37 6.35
C GLY A 177 17.11 -5.85 5.16
N LEU A 178 16.50 -7.02 5.32
CA LEU A 178 15.79 -7.66 4.25
C LEU A 178 14.31 -7.74 4.56
N TYR A 179 13.49 -7.71 3.53
CA TYR A 179 12.05 -7.66 3.71
C TYR A 179 11.46 -9.04 3.88
N SER A 180 10.28 -9.08 4.46
CA SER A 180 9.57 -10.31 4.66
C SER A 180 8.08 -10.06 4.80
N LEU A 181 7.25 -10.89 4.20
CA LEU A 181 5.82 -10.74 4.37
C LEU A 181 5.12 -12.06 4.34
N SER A 182 3.86 -12.04 4.76
CA SER A 182 3.02 -13.20 4.70
C SER A 182 1.77 -12.93 3.89
N SER A 183 1.28 -13.93 3.19
CA SER A 183 -0.02 -13.85 2.54
C SER A 183 -0.86 -15.02 2.95
N VAL A 184 -2.07 -14.77 3.42
CA VAL A 184 -2.85 -15.83 4.01
C VAL A 184 -4.25 -15.80 3.43
N VAL A 185 -4.95 -16.93 3.51
CA VAL A 185 -6.30 -17.00 2.97
C VAL A 185 -7.16 -17.91 3.82
N THR A 186 -8.42 -17.54 3.95
CA THR A 186 -9.39 -18.35 4.68
C THR A 186 -10.19 -19.20 3.71
N VAL A 187 -10.26 -20.50 3.98
CA VAL A 187 -10.98 -21.42 3.11
C VAL A 187 -11.79 -22.43 3.92
N PRO A 188 -12.92 -22.90 3.37
CA PRO A 188 -13.75 -23.89 4.05
C PRO A 188 -13.02 -25.20 4.27
N SER A 189 -12.98 -25.64 5.51
CA SER A 189 -12.17 -26.78 5.91
C SER A 189 -12.40 -28.02 5.08
N SER A 190 -13.60 -28.14 4.53
CA SER A 190 -14.01 -29.35 3.83
C SER A 190 -13.27 -29.52 2.51
N SER A 191 -12.79 -28.43 1.94
CA SER A 191 -12.26 -28.43 0.58
C SER A 191 -10.80 -28.84 0.50
N LEU A 192 -10.19 -29.08 1.65
CA LEU A 192 -8.81 -29.52 1.68
C LEU A 192 -8.67 -30.88 1.04
N GLY A 193 -7.68 -31.01 0.16
CA GLY A 193 -7.49 -32.24 -0.60
C GLY A 193 -8.30 -32.18 -1.87
N THR A 194 -9.55 -31.79 -1.73
CA THR A 194 -10.44 -31.59 -2.85
C THR A 194 -9.91 -30.47 -3.73
N GLN A 195 -9.54 -29.37 -3.09
CA GLN A 195 -9.07 -28.19 -3.80
C GLN A 195 -7.62 -27.92 -3.48
N THR A 196 -6.84 -27.65 -4.51
CA THR A 196 -5.43 -27.37 -4.33
C THR A 196 -5.20 -25.87 -4.29
N TYR A 197 -4.35 -25.44 -3.38
CA TYR A 197 -4.09 -24.03 -3.22
C TYR A 197 -2.62 -23.71 -3.44
N ILE A 198 -2.36 -22.87 -4.44
CA ILE A 198 -1.02 -22.46 -4.79
C ILE A 198 -0.91 -20.95 -4.69
N CYS A 199 0.14 -20.46 -4.04
CA CYS A 199 0.38 -19.03 -4.00
C CYS A 199 1.43 -18.65 -5.01
N ASN A 200 1.16 -17.62 -5.78
CA ASN A 200 2.03 -17.27 -6.89
C ASN A 200 2.78 -15.99 -6.59
N VAL A 201 4.05 -16.16 -6.28
CA VAL A 201 4.90 -15.06 -5.86
C VAL A 201 5.80 -14.60 -6.99
N ASN A 202 5.88 -13.31 -7.18
CA ASN A 202 6.69 -12.76 -8.24
C ASN A 202 7.50 -11.62 -7.69
N HIS A 203 8.83 -11.73 -7.79
CA HIS A 203 9.70 -10.67 -7.36
C HIS A 203 10.52 -10.25 -8.54
N LYS A 204 10.16 -9.14 -9.15
CA LYS A 204 10.74 -8.78 -10.41
C LYS A 204 12.20 -8.39 -10.40
N PRO A 205 12.66 -7.64 -9.39
CA PRO A 205 14.06 -7.23 -9.50
C PRO A 205 15.05 -8.39 -9.47
N SER A 206 14.64 -9.53 -8.93
CA SER A 206 15.51 -10.68 -8.95
C SER A 206 15.02 -11.67 -9.99
N ASN A 207 14.01 -11.26 -10.75
CA ASN A 207 13.40 -12.12 -11.75
C ASN A 207 13.07 -13.48 -11.17
N THR A 208 12.39 -13.45 -10.04
CA THR A 208 12.01 -14.64 -9.31
C THR A 208 10.51 -14.88 -9.42
N LYS A 209 10.11 -16.10 -9.73
CA LYS A 209 8.70 -16.47 -9.77
C LYS A 209 8.51 -17.84 -9.16
N VAL A 210 7.93 -17.90 -7.97
CA VAL A 210 7.71 -19.17 -7.33
C VAL A 210 6.23 -19.48 -7.35
N ASP A 211 5.90 -20.77 -7.36
CA ASP A 211 4.53 -21.21 -7.22
C ASP A 211 4.48 -22.33 -6.22
N LYS A 212 4.38 -21.98 -4.95
CA LYS A 212 4.38 -22.99 -3.92
C LYS A 212 2.95 -23.45 -3.63
N LYS A 213 2.74 -24.76 -3.59
CA LYS A 213 1.43 -25.29 -3.25
C LYS A 213 1.40 -25.67 -1.80
N VAL A 214 0.33 -25.28 -1.12
CA VAL A 214 0.23 -25.49 0.31
C VAL A 214 -0.69 -26.65 0.62
N GLU A 215 -0.15 -27.64 1.31
CA GLU A 215 -0.93 -28.75 1.81
C GLU A 215 -0.50 -29.00 3.24
N PRO A 216 -1.25 -29.80 3.98
CA PRO A 216 -0.79 -30.10 5.33
C PRO A 216 -0.18 -31.50 5.44
N ASP B 1 6.41 28.97 -1.18
CA ASP B 1 5.42 28.30 -2.01
C ASP B 1 4.05 28.37 -1.37
N VAL B 2 3.05 27.89 -2.08
CA VAL B 2 1.70 27.84 -1.56
C VAL B 2 1.52 26.60 -0.72
N VAL B 3 1.07 26.77 0.51
CA VAL B 3 0.98 25.64 1.41
C VAL B 3 -0.44 25.23 1.67
N MET B 4 -0.81 24.05 1.20
CA MET B 4 -2.14 23.52 1.46
C MET B 4 -2.18 22.83 2.79
N THR B 5 -3.12 23.21 3.63
CA THR B 5 -3.23 22.62 4.94
C THR B 5 -4.55 21.92 5.10
N GLN B 6 -4.51 20.66 5.48
CA GLN B 6 -5.72 19.91 5.67
C GLN B 6 -6.02 19.68 7.13
N SER B 7 -7.28 19.39 7.41
CA SER B 7 -7.74 19.19 8.77
C SER B 7 -9.06 18.48 8.76
N PRO B 8 -9.18 17.41 9.56
CA PRO B 8 -8.20 16.84 10.45
C PRO B 8 -7.24 15.95 9.71
N LEU B 9 -6.22 15.45 10.39
CA LEU B 9 -5.25 14.61 9.74
C LEU B 9 -5.76 13.20 9.67
N SER B 10 -6.48 12.78 10.69
CA SER B 10 -7.15 11.51 10.64
C SER B 10 -8.58 11.73 11.06
N LEU B 11 -9.51 11.12 10.34
CA LEU B 11 -10.91 11.39 10.55
C LEU B 11 -11.72 10.14 10.73
N PRO B 12 -12.12 9.86 11.97
CA PRO B 12 -12.97 8.72 12.28
C PRO B 12 -14.40 8.99 11.90
N VAL B 13 -15.05 8.07 11.20
CA VAL B 13 -16.40 8.31 10.72
C VAL B 13 -17.24 7.06 10.85
N THR B 14 -18.34 7.14 11.58
CA THR B 14 -19.22 6.01 11.67
C THR B 14 -19.76 5.76 10.28
N LEU B 15 -19.80 4.51 9.88
CA LEU B 15 -20.25 4.19 8.56
C LEU B 15 -21.66 4.69 8.38
N GLY B 16 -21.94 5.28 7.23
CA GLY B 16 -23.27 5.78 6.94
C GLY B 16 -23.50 7.22 7.40
N GLN B 17 -22.52 7.78 8.08
CA GLN B 17 -22.63 9.14 8.58
C GLN B 17 -21.90 10.10 7.63
N PRO B 18 -22.08 11.40 7.84
CA PRO B 18 -21.35 12.35 6.99
C PRO B 18 -19.91 12.56 7.42
N ALA B 19 -19.14 13.17 6.53
CA ALA B 19 -17.77 13.49 6.80
C ALA B 19 -17.38 14.72 6.03
N SER B 20 -16.52 15.55 6.62
CA SER B 20 -16.05 16.73 5.91
C SER B 20 -14.58 16.98 6.17
N ILE B 21 -13.86 17.36 5.12
CA ILE B 21 -12.43 17.58 5.19
C ILE B 21 -12.11 18.99 4.80
N SER B 22 -11.35 19.69 5.62
CA SER B 22 -11.02 21.06 5.33
C SER B 22 -9.64 21.20 4.74
N CYS B 23 -9.54 21.96 3.67
CA CYS B 23 -8.25 22.27 3.07
C CYS B 23 -8.10 23.78 2.98
N ARG B 24 -7.01 24.31 3.53
CA ARG B 24 -6.81 25.74 3.55
C ARG B 24 -5.47 26.13 2.98
N SER B 25 -5.48 26.95 1.93
CA SER B 25 -4.26 27.37 1.27
C SER B 25 -3.69 28.64 1.89
N SER B 26 -2.37 28.78 1.89
CA SER B 26 -1.74 29.89 2.57
C SER B 26 -1.85 31.21 1.81
N GLN B 27 -2.16 31.12 0.53
CA GLN B 27 -2.40 32.30 -0.27
C GLN B 27 -3.64 32.04 -1.07
N SER B 28 -4.10 33.03 -1.80
CA SER B 28 -5.24 32.80 -2.66
C SER B 28 -4.81 31.94 -3.80
N ILE B 29 -5.68 31.04 -4.22
CA ILE B 29 -5.38 30.21 -5.36
C ILE B 29 -6.45 30.39 -6.40
N VAL B 30 -7.05 31.57 -6.44
CA VAL B 30 -7.98 31.88 -7.50
C VAL B 30 -7.18 32.44 -8.65
N TYR B 31 -7.50 32.01 -9.85
CA TYR B 31 -6.64 32.33 -10.97
C TYR B 31 -6.80 33.78 -11.36
N ASN B 32 -8.01 34.18 -11.71
CA ASN B 32 -8.23 35.54 -12.17
C ASN B 32 -9.58 36.05 -11.71
N ASN B 33 -10.13 35.35 -10.73
CA ASN B 33 -11.52 35.46 -10.31
C ASN B 33 -12.38 34.70 -11.33
N ARG B 34 -11.74 34.23 -12.39
CA ARG B 34 -12.44 33.44 -13.39
C ARG B 34 -12.58 31.99 -12.94
N TYR B 35 -11.53 31.45 -12.32
CA TYR B 35 -11.47 30.02 -12.04
C TYR B 35 -10.49 29.69 -10.93
N THR B 36 -10.80 28.65 -10.16
CA THR B 36 -9.92 28.20 -9.09
C THR B 36 -9.52 26.76 -9.27
N TYR B 37 -8.23 26.53 -9.44
CA TYR B 37 -7.69 25.21 -9.69
C TYR B 37 -7.47 24.44 -8.39
N LEU B 38 -8.51 23.82 -7.86
CA LEU B 38 -8.35 22.97 -6.71
C LEU B 38 -9.00 21.62 -6.94
N GLU B 39 -8.27 20.55 -6.68
CA GLU B 39 -8.81 19.23 -6.87
C GLU B 39 -8.82 18.46 -5.57
N TRP B 40 -9.63 17.42 -5.54
CA TRP B 40 -9.64 16.50 -4.41
C TRP B 40 -9.46 15.11 -4.96
N PHE B 41 -8.47 14.40 -4.41
CA PHE B 41 -8.17 13.04 -4.82
C PHE B 41 -8.40 12.08 -3.68
N GLN B 42 -8.78 10.87 -4.02
CA GLN B 42 -8.86 9.80 -3.06
C GLN B 42 -7.80 8.76 -3.37
N GLN B 43 -7.04 8.34 -2.36
CA GLN B 43 -6.07 7.29 -2.59
C GLN B 43 -6.28 6.09 -1.70
N ARG B 44 -6.64 4.98 -2.31
CA ARG B 44 -6.81 3.75 -1.59
C ARG B 44 -5.47 3.07 -1.49
N PRO B 45 -5.25 2.31 -0.43
CA PRO B 45 -3.99 1.61 -0.21
C PRO B 45 -3.41 0.93 -1.43
N GLY B 46 -2.19 1.28 -1.79
CA GLY B 46 -1.50 0.62 -2.87
C GLY B 46 -1.98 1.00 -4.24
N GLN B 47 -2.87 1.97 -4.30
CA GLN B 47 -3.40 2.43 -5.57
C GLN B 47 -2.91 3.82 -5.89
N SER B 48 -3.03 4.20 -7.15
CA SER B 48 -2.71 5.56 -7.55
C SER B 48 -3.84 6.46 -7.09
N PRO B 49 -3.60 7.76 -7.01
CA PRO B 49 -4.72 8.59 -6.59
C PRO B 49 -5.82 8.62 -7.63
N ARG B 50 -7.03 8.87 -7.16
CA ARG B 50 -8.20 8.91 -8.02
C ARG B 50 -8.79 10.28 -7.91
N LEU B 51 -9.13 10.89 -9.03
CA LEU B 51 -9.74 12.22 -8.99
C LEU B 51 -11.17 12.14 -8.52
N LEU B 52 -11.52 13.04 -7.61
CA LEU B 52 -12.88 13.13 -7.14
C LEU B 52 -13.57 14.39 -7.61
N ILE B 53 -12.97 15.54 -7.30
CA ILE B 53 -13.55 16.85 -7.56
C ILE B 53 -12.57 17.76 -8.24
N TYR B 54 -12.98 18.45 -9.31
CA TYR B 54 -12.12 19.47 -9.89
C TYR B 54 -12.73 20.85 -9.88
N GLY B 55 -11.87 21.86 -9.91
CA GLY B 55 -12.31 23.22 -9.90
C GLY B 55 -13.23 23.43 -8.72
N VAL B 56 -12.73 23.09 -7.56
CA VAL B 56 -13.45 23.26 -6.29
C VAL B 56 -14.75 22.49 -6.21
N SER B 57 -15.62 22.61 -7.19
CA SER B 57 -16.98 22.11 -6.98
C SER B 57 -17.43 21.06 -7.98
N ASN B 58 -16.74 20.91 -9.09
CA ASN B 58 -17.22 19.99 -10.12
C ASN B 58 -16.83 18.56 -9.83
N ARG B 59 -17.81 17.68 -9.79
CA ARG B 59 -17.56 16.27 -9.60
C ARG B 59 -17.12 15.62 -10.90
N PHE B 60 -16.03 14.88 -10.84
CA PHE B 60 -15.49 14.16 -11.98
C PHE B 60 -16.42 13.04 -12.38
N SER B 61 -16.51 12.75 -13.66
CA SER B 61 -17.46 11.76 -14.12
C SER B 61 -17.05 10.37 -13.65
N GLY B 62 -17.96 9.68 -13.00
CA GLY B 62 -17.73 8.34 -12.51
C GLY B 62 -17.80 8.34 -11.00
N VAL B 63 -17.55 9.51 -10.41
CA VAL B 63 -17.54 9.68 -8.98
C VAL B 63 -18.94 9.65 -8.43
N PRO B 64 -19.18 8.83 -7.40
CA PRO B 64 -20.49 8.77 -6.76
C PRO B 64 -20.95 10.13 -6.31
N ASP B 65 -22.23 10.41 -6.47
CA ASP B 65 -22.72 11.75 -6.25
C ASP B 65 -22.86 12.07 -4.78
N ARG B 66 -22.36 11.19 -3.92
CA ARG B 66 -22.34 11.49 -2.50
C ARG B 66 -21.08 12.23 -2.12
N PHE B 67 -20.22 12.45 -3.10
CA PHE B 67 -19.05 13.30 -2.92
C PHE B 67 -19.35 14.69 -3.42
N SER B 68 -18.96 15.69 -2.66
CA SER B 68 -19.11 17.04 -3.16
C SER B 68 -18.00 17.90 -2.62
N GLY B 69 -17.70 18.96 -3.32
CA GLY B 69 -16.67 19.87 -2.88
C GLY B 69 -17.18 21.29 -2.98
N SER B 70 -16.61 22.17 -2.18
CA SER B 70 -17.06 23.53 -2.12
C SER B 70 -16.02 24.39 -1.46
N GLY B 71 -16.34 25.65 -1.28
CA GLY B 71 -15.40 26.57 -0.69
C GLY B 71 -15.04 27.63 -1.70
N SER B 72 -14.24 28.58 -1.27
CA SER B 72 -13.77 29.64 -2.15
C SER B 72 -12.79 30.49 -1.39
N GLY B 73 -11.74 30.90 -2.08
CA GLY B 73 -10.77 31.79 -1.47
C GLY B 73 -9.55 31.07 -0.97
N THR B 74 -9.47 30.88 0.34
CA THR B 74 -8.42 30.08 0.90
C THR B 74 -8.99 28.92 1.70
N ASP B 75 -10.32 28.82 1.75
CA ASP B 75 -10.93 27.78 2.56
C ASP B 75 -11.87 26.92 1.75
N PHE B 76 -11.50 25.66 1.59
CA PHE B 76 -12.27 24.71 0.79
C PHE B 76 -12.68 23.53 1.64
N THR B 77 -13.52 22.66 1.09
CA THR B 77 -14.07 21.58 1.86
C THR B 77 -14.61 20.45 1.00
N LEU B 78 -14.32 19.22 1.39
CA LEU B 78 -14.83 18.06 0.70
C LEU B 78 -15.82 17.36 1.59
N LYS B 79 -16.92 16.89 1.03
CA LYS B 79 -17.97 16.31 1.83
C LYS B 79 -18.46 14.99 1.28
N ILE B 80 -18.66 14.05 2.19
CA ILE B 80 -19.30 12.78 1.89
C ILE B 80 -20.59 12.73 2.66
N SER B 81 -21.70 12.63 1.95
CA SER B 81 -22.99 12.70 2.61
C SER B 81 -23.22 11.47 3.45
N ARG B 82 -23.13 10.30 2.83
CA ARG B 82 -23.19 9.05 3.57
C ARG B 82 -21.94 8.25 3.25
N VAL B 83 -21.12 8.04 4.26
CA VAL B 83 -19.89 7.27 4.12
C VAL B 83 -20.20 5.79 3.92
N GLU B 84 -19.52 5.18 2.95
CA GLU B 84 -19.64 3.75 2.74
C GLU B 84 -18.28 3.11 2.92
N ALA B 85 -18.25 1.80 3.12
CA ALA B 85 -17.05 1.08 3.51
C ALA B 85 -15.89 1.32 2.57
N GLU B 86 -16.14 1.35 1.28
CA GLU B 86 -15.06 1.51 0.33
C GLU B 86 -14.51 2.92 0.29
N ASP B 87 -15.03 3.79 1.13
CA ASP B 87 -14.60 5.19 1.10
C ASP B 87 -13.32 5.37 1.85
N VAL B 88 -12.87 4.29 2.47
CA VAL B 88 -11.73 4.34 3.36
C VAL B 88 -10.45 4.53 2.56
N GLY B 89 -9.60 5.43 3.02
CA GLY B 89 -8.42 5.77 2.27
C GLY B 89 -7.84 7.06 2.76
N VAL B 90 -7.10 7.74 1.91
CA VAL B 90 -6.52 9.02 2.25
C VAL B 90 -6.91 10.01 1.19
N TYR B 91 -7.20 11.24 1.60
CA TYR B 91 -7.74 12.24 0.70
C TYR B 91 -6.84 13.44 0.66
N TYR B 92 -6.49 13.87 -0.55
CA TYR B 92 -5.60 15.00 -0.75
C TYR B 92 -6.26 16.12 -1.54
N CYS B 93 -5.95 17.36 -1.18
CA CYS B 93 -6.29 18.50 -2.01
C CYS B 93 -5.06 18.94 -2.78
N TYR B 94 -5.27 19.69 -3.85
CA TYR B 94 -4.18 20.08 -4.74
C TYR B 94 -4.45 21.44 -5.36
N GLN B 95 -3.47 22.33 -5.34
CA GLN B 95 -3.64 23.62 -5.98
C GLN B 95 -2.87 23.68 -7.27
N GLY B 96 -3.57 23.89 -8.38
CA GLY B 96 -2.93 23.95 -9.67
C GLY B 96 -2.77 25.36 -10.16
N THR B 97 -2.90 26.33 -9.27
CA THR B 97 -2.95 27.70 -9.70
C THR B 97 -1.58 28.34 -9.68
N HIS B 98 -0.86 28.19 -8.58
CA HIS B 98 0.44 28.83 -8.47
C HIS B 98 1.58 27.85 -8.32
N ALA B 99 2.48 27.87 -9.28
CA ALA B 99 3.66 27.02 -9.28
C ALA B 99 4.65 27.48 -8.22
N PRO B 100 5.27 26.53 -7.52
CA PRO B 100 5.15 25.09 -7.71
C PRO B 100 3.86 24.51 -7.16
N TYR B 101 3.14 23.79 -8.00
CA TYR B 101 1.87 23.23 -7.63
C TYR B 101 2.04 22.26 -6.48
N THR B 102 1.13 22.29 -5.52
CA THR B 102 1.34 21.56 -4.29
C THR B 102 0.11 20.83 -3.81
N PHE B 103 0.34 19.77 -3.04
CA PHE B 103 -0.70 18.95 -2.45
C PHE B 103 -0.86 19.24 -0.97
N GLY B 104 -1.95 18.73 -0.40
CA GLY B 104 -2.14 18.78 1.03
C GLY B 104 -1.34 17.64 1.61
N GLN B 105 -1.37 17.46 2.92
CA GLN B 105 -0.58 16.40 3.51
C GLN B 105 -1.42 15.16 3.69
N GLY B 106 -2.68 15.23 3.31
CA GLY B 106 -3.54 14.06 3.38
C GLY B 106 -4.33 13.93 4.65
N THR B 107 -5.53 13.41 4.51
CA THR B 107 -6.40 13.14 5.63
C THR B 107 -6.83 11.71 5.56
N LYS B 108 -6.57 10.95 6.62
CA LYS B 108 -6.89 9.54 6.63
C LYS B 108 -8.28 9.30 7.14
N LEU B 109 -9.10 8.64 6.34
CA LEU B 109 -10.47 8.36 6.72
C LEU B 109 -10.59 6.99 7.34
N GLU B 110 -10.87 6.96 8.62
CA GLU B 110 -11.02 5.71 9.34
C GLU B 110 -12.48 5.44 9.60
N ILE B 111 -12.92 4.23 9.28
CA ILE B 111 -14.30 3.83 9.43
C ILE B 111 -14.52 3.24 10.80
N LYS B 112 -15.43 3.78 11.58
CA LYS B 112 -15.75 3.18 12.84
C LYS B 112 -16.85 2.19 12.68
N ARG B 113 -16.76 1.10 13.43
CA ARG B 113 -17.73 0.03 13.35
C ARG B 113 -17.75 -0.74 14.64
N THR B 114 -18.60 -1.75 14.74
CA THR B 114 -18.75 -2.42 16.00
C THR B 114 -17.53 -3.26 16.25
N VAL B 115 -17.23 -3.46 17.52
CA VAL B 115 -16.13 -4.30 17.92
C VAL B 115 -16.30 -5.68 17.32
N ALA B 116 -15.21 -6.25 16.84
CA ALA B 116 -15.23 -7.56 16.21
C ALA B 116 -14.02 -8.34 16.69
N ALA B 117 -14.26 -9.49 17.32
CA ALA B 117 -13.21 -10.32 17.82
C ALA B 117 -12.48 -11.03 16.69
N PRO B 118 -11.18 -11.28 16.85
CA PRO B 118 -10.36 -11.92 15.84
C PRO B 118 -10.44 -13.43 15.84
N SER B 119 -10.29 -14.04 14.68
CA SER B 119 -10.10 -15.47 14.58
C SER B 119 -8.62 -15.73 14.56
N VAL B 120 -8.12 -16.48 15.54
CA VAL B 120 -6.69 -16.64 15.74
C VAL B 120 -6.19 -17.99 15.24
N PHE B 121 -5.06 -17.96 14.55
CA PHE B 121 -4.42 -19.18 14.07
C PHE B 121 -2.93 -19.17 14.32
N ILE B 122 -2.37 -20.33 14.60
CA ILE B 122 -0.92 -20.43 14.79
C ILE B 122 -0.31 -21.37 13.78
N PHE B 123 0.84 -20.97 13.26
CA PHE B 123 1.53 -21.71 12.23
C PHE B 123 2.94 -22.13 12.63
N PRO B 124 3.19 -23.44 12.66
CA PRO B 124 4.55 -23.86 12.94
C PRO B 124 5.37 -23.77 11.66
N PRO B 125 6.68 -23.53 11.78
CA PRO B 125 7.61 -23.35 10.67
C PRO B 125 7.64 -24.55 9.75
N SER B 126 7.84 -24.29 8.47
CA SER B 126 7.86 -25.34 7.47
C SER B 126 9.08 -26.19 7.67
N ASP B 127 9.00 -27.44 7.26
CA ASP B 127 10.16 -28.29 7.34
C ASP B 127 11.26 -27.66 6.53
N GLU B 128 10.90 -27.15 5.36
CA GLU B 128 11.84 -26.51 4.47
C GLU B 128 12.63 -25.40 5.14
N GLN B 129 11.94 -24.48 5.80
CA GLN B 129 12.60 -23.35 6.41
C GLN B 129 13.55 -23.82 7.51
N LEU B 130 13.20 -24.94 8.12
CA LEU B 130 13.99 -25.46 9.22
C LEU B 130 15.34 -25.96 8.75
N LYS B 131 15.34 -26.64 7.61
CA LYS B 131 16.57 -27.18 7.09
C LYS B 131 17.51 -26.04 6.77
N SER B 132 16.96 -24.91 6.36
CA SER B 132 17.78 -23.79 5.97
C SER B 132 18.25 -22.98 7.17
N GLY B 133 17.92 -23.44 8.37
CA GLY B 133 18.55 -22.89 9.56
C GLY B 133 17.78 -21.97 10.47
N THR B 134 16.72 -21.36 9.97
CA THR B 134 15.92 -20.48 10.81
C THR B 134 14.57 -21.05 11.10
N ALA B 135 13.90 -20.48 12.10
CA ALA B 135 12.55 -20.88 12.45
C ALA B 135 11.64 -19.67 12.59
N SER B 136 10.61 -19.59 11.75
CA SER B 136 9.62 -18.54 11.86
C SER B 136 8.25 -19.09 12.24
N VAL B 137 7.72 -18.65 13.37
CA VAL B 137 6.42 -19.09 13.80
C VAL B 137 5.41 -17.97 13.66
N VAL B 138 4.28 -18.26 13.02
CA VAL B 138 3.34 -17.23 12.65
C VAL B 138 2.01 -17.32 13.36
N CYS B 139 1.62 -16.23 13.98
CA CYS B 139 0.32 -16.12 14.61
C CYS B 139 -0.57 -15.16 13.84
N LEU B 140 -1.69 -15.65 13.35
CA LEU B 140 -2.61 -14.83 12.55
C LEU B 140 -3.82 -14.36 13.32
N LEU B 141 -4.08 -13.06 13.31
CA LEU B 141 -5.31 -12.50 13.88
C LEU B 141 -6.17 -11.97 12.75
N ASN B 142 -7.30 -12.58 12.51
CA ASN B 142 -8.04 -12.31 11.29
C ASN B 142 -9.36 -11.58 11.53
N ASN B 143 -9.57 -10.52 10.77
CA ASN B 143 -10.84 -9.82 10.69
C ASN B 143 -11.33 -9.37 12.04
N PHE B 144 -10.74 -8.32 12.58
CA PHE B 144 -11.13 -7.83 13.88
C PHE B 144 -11.19 -6.32 13.89
N TYR B 145 -11.89 -5.78 14.89
CA TYR B 145 -11.95 -4.35 15.12
C TYR B 145 -12.12 -4.13 16.62
N PRO B 146 -11.40 -3.17 17.21
CA PRO B 146 -10.46 -2.20 16.65
C PRO B 146 -9.07 -2.72 16.36
N ARG B 147 -8.25 -1.81 15.86
CA ARG B 147 -6.90 -2.09 15.42
C ARG B 147 -6.06 -2.58 16.57
N GLU B 148 -6.26 -1.98 17.73
CA GLU B 148 -5.45 -2.28 18.89
C GLU B 148 -5.62 -3.70 19.39
N ALA B 149 -4.61 -4.51 19.17
CA ALA B 149 -4.56 -5.84 19.77
C ALA B 149 -3.22 -6.04 20.42
N LYS B 150 -3.17 -6.99 21.34
CA LYS B 150 -1.94 -7.31 22.06
C LYS B 150 -1.60 -8.76 21.89
N VAL B 151 -0.55 -9.05 21.15
CA VAL B 151 -0.14 -10.42 20.93
C VAL B 151 1.14 -10.75 21.70
N GLN B 152 1.03 -11.67 22.65
CA GLN B 152 2.17 -12.06 23.45
C GLN B 152 2.56 -13.48 23.17
N TRP B 153 3.86 -13.70 22.98
CA TRP B 153 4.38 -15.02 22.71
C TRP B 153 4.89 -15.64 23.99
N LYS B 154 4.60 -16.92 24.17
CA LYS B 154 5.08 -17.61 25.34
C LYS B 154 5.65 -18.95 24.94
N VAL B 155 6.95 -19.12 25.12
CA VAL B 155 7.56 -20.41 24.85
C VAL B 155 7.77 -21.10 26.18
N ASP B 156 7.33 -22.35 26.23
CA ASP B 156 7.26 -23.11 27.47
C ASP B 156 6.92 -22.20 28.63
N ASN B 157 5.82 -21.46 28.47
CA ASN B 157 5.31 -20.52 29.45
C ASN B 157 6.23 -19.36 29.74
N ALA B 158 7.28 -19.18 28.93
CA ALA B 158 8.16 -18.04 29.12
C ALA B 158 7.90 -16.95 28.08
N LEU B 159 7.68 -15.75 28.58
CA LEU B 159 7.29 -14.61 27.77
C LEU B 159 8.43 -14.06 26.92
N GLN B 160 8.22 -14.02 25.62
CA GLN B 160 9.23 -13.49 24.70
C GLN B 160 9.23 -11.98 24.66
N SER B 161 10.32 -11.41 24.17
CA SER B 161 10.39 -9.98 23.93
C SER B 161 11.60 -9.67 23.06
N GLY B 162 11.37 -8.93 21.99
CA GLY B 162 12.43 -8.48 21.12
C GLY B 162 12.78 -9.42 19.99
N ASN B 163 11.96 -10.43 19.76
CA ASN B 163 12.25 -11.40 18.72
C ASN B 163 11.05 -11.70 17.83
N SER B 164 10.11 -10.77 17.81
CA SER B 164 8.90 -10.91 17.00
C SER B 164 8.48 -9.56 16.46
N GLN B 165 7.86 -9.57 15.30
CA GLN B 165 7.37 -8.34 14.71
C GLN B 165 5.99 -8.51 14.06
N GLU B 166 5.15 -7.49 14.22
CA GLU B 166 3.78 -7.52 13.74
C GLU B 166 3.61 -6.80 12.42
N SER B 167 2.61 -7.20 11.67
CA SER B 167 2.24 -6.48 10.46
C SER B 167 0.72 -6.40 10.40
N VAL B 168 0.19 -5.25 10.03
CA VAL B 168 -1.25 -5.07 10.01
C VAL B 168 -1.72 -4.57 8.66
N THR B 169 -2.85 -5.10 8.22
CA THR B 169 -3.47 -4.69 6.97
C THR B 169 -4.18 -3.37 7.15
N GLU B 170 -4.62 -2.79 6.06
CA GLU B 170 -5.50 -1.64 6.12
C GLU B 170 -6.92 -2.12 6.30
N GLN B 171 -7.81 -1.23 6.72
CA GLN B 171 -9.21 -1.55 6.87
C GLN B 171 -9.78 -2.15 5.61
N ASP B 172 -10.44 -3.28 5.74
CA ASP B 172 -10.97 -3.96 4.59
C ASP B 172 -12.05 -3.12 3.96
N SER B 173 -12.03 -3.03 2.64
CA SER B 173 -12.92 -2.14 1.91
C SER B 173 -14.35 -2.62 1.94
N LYS B 174 -14.58 -3.79 2.51
CA LYS B 174 -15.91 -4.30 2.60
C LYS B 174 -16.41 -4.36 4.03
N ASP B 175 -15.67 -4.98 4.94
CA ASP B 175 -16.15 -5.09 6.31
C ASP B 175 -15.46 -4.19 7.32
N SER B 176 -14.50 -3.41 6.86
CA SER B 176 -13.83 -2.40 7.69
C SER B 176 -13.05 -2.97 8.87
N THR B 177 -12.71 -4.25 8.81
CA THR B 177 -11.91 -4.88 9.83
C THR B 177 -10.44 -4.89 9.48
N TYR B 178 -9.64 -5.28 10.46
CA TYR B 178 -8.21 -5.41 10.30
C TYR B 178 -7.79 -6.87 10.38
N SER B 179 -6.59 -7.16 9.91
CA SER B 179 -5.94 -8.42 10.17
C SER B 179 -4.49 -8.17 10.54
N LEU B 180 -3.92 -9.06 11.34
CA LEU B 180 -2.60 -8.86 11.91
C LEU B 180 -1.84 -10.15 11.91
N SER B 181 -0.55 -10.08 11.66
CA SER B 181 0.32 -11.24 11.82
C SER B 181 1.46 -10.92 12.75
N SER B 182 1.73 -11.81 13.69
CA SER B 182 2.91 -11.70 14.53
C SER B 182 3.84 -12.84 14.20
N THR B 183 5.05 -12.54 13.75
CA THR B 183 6.00 -13.59 13.44
C THR B 183 7.13 -13.67 14.45
N LEU B 184 7.29 -14.84 15.04
CA LEU B 184 8.38 -15.09 15.97
C LEU B 184 9.48 -15.77 15.21
N THR B 185 10.65 -15.17 15.26
CA THR B 185 11.76 -15.69 14.48
C THR B 185 12.88 -16.15 15.39
N LEU B 186 13.25 -17.42 15.23
CA LEU B 186 14.28 -18.04 16.04
C LEU B 186 15.19 -18.86 15.15
N SER B 187 16.44 -19.00 15.59
CA SER B 187 17.40 -19.85 14.92
C SER B 187 16.93 -21.26 15.10
N LYS B 188 17.18 -22.14 14.14
CA LYS B 188 16.80 -23.53 14.32
C LYS B 188 17.39 -24.03 15.62
N ALA B 189 18.55 -23.51 15.94
CA ALA B 189 19.23 -23.83 17.18
C ALA B 189 18.37 -23.53 18.40
N ASP B 190 17.94 -22.29 18.54
CA ASP B 190 17.16 -21.92 19.73
C ASP B 190 15.75 -22.48 19.70
N TYR B 191 15.38 -23.05 18.57
CA TYR B 191 14.02 -23.54 18.39
C TYR B 191 13.84 -24.91 19.02
N GLU B 192 14.77 -25.81 18.76
CA GLU B 192 14.69 -27.16 19.30
C GLU B 192 14.71 -27.13 20.82
N LYS B 193 15.33 -26.11 21.37
CA LYS B 193 15.50 -25.98 22.80
C LYS B 193 14.18 -25.99 23.56
N HIS B 194 13.08 -25.71 22.88
CA HIS B 194 11.80 -25.66 23.55
C HIS B 194 10.75 -26.50 22.88
N LYS B 195 9.62 -26.64 23.55
CA LYS B 195 8.54 -27.47 23.04
C LYS B 195 7.25 -26.71 22.86
N VAL B 196 6.80 -26.03 23.89
CA VAL B 196 5.53 -25.31 23.83
C VAL B 196 5.68 -23.94 23.21
N TYR B 197 4.95 -23.71 22.13
CA TYR B 197 4.94 -22.40 21.49
C TYR B 197 3.53 -21.81 21.48
N ALA B 198 3.36 -20.73 22.24
CA ALA B 198 2.04 -20.19 22.47
C ALA B 198 1.90 -18.77 21.96
N CYS B 199 0.69 -18.46 21.50
CA CYS B 199 0.32 -17.12 21.04
C CYS B 199 -0.84 -16.67 21.87
N GLU B 200 -0.72 -15.57 22.59
CA GLU B 200 -1.79 -15.16 23.50
C GLU B 200 -2.35 -13.80 23.16
N VAL B 201 -3.54 -13.82 22.57
CA VAL B 201 -4.17 -12.61 22.07
C VAL B 201 -5.10 -11.94 23.07
N THR B 202 -4.94 -10.65 23.21
CA THR B 202 -5.77 -9.85 24.08
C THR B 202 -6.43 -8.78 23.25
N HIS B 203 -7.75 -8.78 23.22
CA HIS B 203 -8.48 -7.86 22.36
C HIS B 203 -9.78 -7.50 23.00
N GLN B 204 -10.35 -6.38 22.56
CA GLN B 204 -11.60 -5.88 23.11
C GLN B 204 -12.75 -6.82 22.89
N GLY B 205 -12.72 -7.53 21.77
CA GLY B 205 -13.79 -8.44 21.43
C GLY B 205 -13.79 -9.74 22.21
N LEU B 206 -12.72 -9.97 22.96
CA LEU B 206 -12.60 -11.19 23.73
C LEU B 206 -12.79 -10.88 25.19
N SER B 207 -13.49 -11.77 25.88
CA SER B 207 -13.75 -11.56 27.29
C SER B 207 -12.55 -12.00 28.11
N SER B 208 -11.91 -13.07 27.67
CA SER B 208 -10.66 -13.52 28.24
C SER B 208 -9.70 -13.69 27.08
N PRO B 209 -8.39 -13.53 27.32
CA PRO B 209 -7.43 -13.70 26.24
C PRO B 209 -7.43 -15.09 25.65
N VAL B 210 -7.23 -15.16 24.35
CA VAL B 210 -7.26 -16.41 23.64
C VAL B 210 -5.87 -16.86 23.34
N THR B 211 -5.61 -18.15 23.52
CA THR B 211 -4.29 -18.70 23.30
C THR B 211 -4.32 -19.86 22.33
N LYS B 212 -3.56 -19.76 21.26
CA LYS B 212 -3.38 -20.87 20.34
C LYS B 212 -1.94 -21.37 20.43
N SER B 213 -1.75 -22.68 20.51
CA SER B 213 -0.41 -23.20 20.73
C SER B 213 -0.12 -24.52 20.05
N PHE B 214 1.13 -24.93 20.15
CA PHE B 214 1.53 -26.27 19.74
C PHE B 214 2.84 -26.71 20.41
N ASN B 215 3.18 -27.97 20.22
CA ASN B 215 4.43 -28.51 20.73
C ASN B 215 5.36 -28.83 19.57
N ARG B 216 6.67 -28.97 19.89
CA ARG B 216 7.89 -29.35 19.08
C ARG B 216 8.88 -28.19 19.06
#